data_6C3F
# 
_entry.id   6C3F 
# 
_audit_conform.dict_name       mmcif_pdbx.dic 
_audit_conform.dict_version    5.387 
_audit_conform.dict_location   http://mmcif.pdb.org/dictionaries/ascii/mmcif_pdbx.dic 
# 
loop_
_database_2.database_id 
_database_2.database_code 
_database_2.pdbx_database_accession 
_database_2.pdbx_DOI 
PDB   6C3F         pdb_00006c3f 10.2210/pdb6c3f/pdb 
WWPDB D_1000231996 ?            ?                   
# 
loop_
_pdbx_audit_revision_history.ordinal 
_pdbx_audit_revision_history.data_content_type 
_pdbx_audit_revision_history.major_revision 
_pdbx_audit_revision_history.minor_revision 
_pdbx_audit_revision_history.revision_date 
1 'Structure model' 1 0 2018-04-18 
2 'Structure model' 1 1 2018-07-18 
3 'Structure model' 1 2 2018-08-01 
4 'Structure model' 1 3 2024-03-13 
# 
_pdbx_audit_revision_details.ordinal             1 
_pdbx_audit_revision_details.revision_ordinal    1 
_pdbx_audit_revision_details.data_content_type   'Structure model' 
_pdbx_audit_revision_details.provider            repository 
_pdbx_audit_revision_details.type                'Initial release' 
_pdbx_audit_revision_details.description         ? 
_pdbx_audit_revision_details.details             ? 
# 
loop_
_pdbx_audit_revision_group.ordinal 
_pdbx_audit_revision_group.revision_ordinal 
_pdbx_audit_revision_group.data_content_type 
_pdbx_audit_revision_group.group 
1 2 'Structure model' 'Data collection'     
2 2 'Structure model' 'Database references' 
3 3 'Structure model' 'Data collection'     
4 3 'Structure model' 'Database references' 
5 4 'Structure model' 'Data collection'     
6 4 'Structure model' 'Database references' 
# 
loop_
_pdbx_audit_revision_category.ordinal 
_pdbx_audit_revision_category.revision_ordinal 
_pdbx_audit_revision_category.data_content_type 
_pdbx_audit_revision_category.category 
1 2 'Structure model' citation                  
2 3 'Structure model' citation                  
3 3 'Structure model' citation_author           
4 3 'Structure model' pdbx_related_exp_data_set 
5 4 'Structure model' chem_comp_atom            
6 4 'Structure model' chem_comp_bond            
7 4 'Structure model' database_2                
# 
loop_
_pdbx_audit_revision_item.ordinal 
_pdbx_audit_revision_item.revision_ordinal 
_pdbx_audit_revision_item.data_content_type 
_pdbx_audit_revision_item.item 
1 2 'Structure model' '_citation.journal_volume'            
2 2 'Structure model' '_citation.page_first'                
3 2 'Structure model' '_citation.page_last'                 
4 2 'Structure model' '_citation.title'                     
5 4 'Structure model' '_database_2.pdbx_DOI'                
6 4 'Structure model' '_database_2.pdbx_database_accession' 
# 
_pdbx_database_status.status_code                     REL 
_pdbx_database_status.status_code_sf                  REL 
_pdbx_database_status.status_code_mr                  ? 
_pdbx_database_status.entry_id                        6C3F 
_pdbx_database_status.recvd_initial_deposition_date   2018-01-09 
_pdbx_database_status.SG_entry                        N 
_pdbx_database_status.deposit_site                    RCSB 
_pdbx_database_status.process_site                    RCSB 
_pdbx_database_status.status_code_cs                  ? 
_pdbx_database_status.methods_development_category    ? 
_pdbx_database_status.pdb_format_compatible           Y 
_pdbx_database_status.status_code_nmr_data            ? 
# 
loop_
_audit_author.name 
_audit_author.pdbx_ordinal 
_audit_author.identifier_ORCID 
'Saelices, L.'    1 0000-0002-1904-2150 
'Sawaya, M.R.'    2 0000-0003-0874-9043 
'Eisenberg, D.S.' 3 0000-0003-2432-5419 
# 
loop_
_citation.abstract 
_citation.abstract_id_CAS 
_citation.book_id_ISBN 
_citation.book_publisher 
_citation.book_publisher_city 
_citation.book_title 
_citation.coordinate_linkage 
_citation.country 
_citation.database_id_Medline 
_citation.details 
_citation.id 
_citation.journal_abbrev 
_citation.journal_id_ASTM 
_citation.journal_id_CSD 
_citation.journal_id_ISSN 
_citation.journal_full 
_citation.journal_issue 
_citation.journal_volume 
_citation.language 
_citation.page_first 
_citation.page_last 
_citation.title 
_citation.year 
_citation.database_id_CSD 
_citation.pdbx_database_id_DOI 
_citation.pdbx_database_id_PubMed 
_citation.unpublished_flag 
? ? ? ? ? ? ? US ? ? primary 'Protein Sci.'   PRCIEI 0795 1469-896X ? ? 27  ? 1295  1303  
'Crystal structures of amyloidogenic segments of human transthyretin.' 2018 ? 10.1002/pro.3420        29626847 ? 
? ? ? ? ? ? ? US ? ? 1       'J. Biol. Chem.' JBCHA3 0071 1083-351X ? ? 290 ? 28932 28943 
'Uncovering the Mechanism of Aggregation of Human Transthyretin.'      2015 ? 10.1074/jbc.M115.659912 26459562 ? 
# 
loop_
_citation_author.citation_id 
_citation_author.name 
_citation_author.ordinal 
_citation_author.identifier_ORCID 
primary 'Saelices, L.'    1  ? 
primary 'Sievers, S.A.'   2  ? 
primary 'Sawaya, M.R.'    3  ? 
primary 'Eisenberg, D.S.' 4  ? 
1       'Saelices, L.'    5  ? 
1       'Johnson, L.M.'   6  ? 
1       'Liang, W.Y.'     7  ? 
1       'Sawaya, M.R.'    8  ? 
1       'Cascio, D.'      9  ? 
1       'Ruchala, P.'     10 ? 
1       'Whitelegge, J.'  11 ? 
1       'Jiang, L.'       12 ? 
1       'Riek, R.'        13 ? 
1       'Eisenberg, D.S.' 14 ? 
# 
loop_
_entity.id 
_entity.type 
_entity.src_method 
_entity.pdbx_description 
_entity.formula_weight 
_entity.pdbx_number_of_molecules 
_entity.pdbx_ec 
_entity.pdbx_mutation 
_entity.pdbx_fragment 
_entity.details 
1 polymer     syn ILE-TYR-LYS-VAL-GLU-ILE 764.929 2 ? ? ? ? 
2 non-polymer syn 'trifluoroacetic acid'  114.023 1 ? ? ? ? 
3 water       nat water                   18.015  4 ? ? ? ? 
# 
_entity_poly.entity_id                      1 
_entity_poly.type                           'polypeptide(L)' 
_entity_poly.nstd_linkage                   no 
_entity_poly.nstd_monomer                   no 
_entity_poly.pdbx_seq_one_letter_code       IYKVEI 
_entity_poly.pdbx_seq_one_letter_code_can   IYKVEI 
_entity_poly.pdbx_strand_id                 A,B 
_entity_poly.pdbx_target_identifier         ? 
# 
loop_
_pdbx_entity_nonpoly.entity_id 
_pdbx_entity_nonpoly.name 
_pdbx_entity_nonpoly.comp_id 
2 'trifluoroacetic acid' TFA 
3 water                  HOH 
# 
loop_
_entity_poly_seq.entity_id 
_entity_poly_seq.num 
_entity_poly_seq.mon_id 
_entity_poly_seq.hetero 
1 1 ILE n 
1 2 TYR n 
1 3 LYS n 
1 4 VAL n 
1 5 GLU n 
1 6 ILE n 
# 
_pdbx_entity_src_syn.entity_id              1 
_pdbx_entity_src_syn.pdbx_src_id            1 
_pdbx_entity_src_syn.pdbx_alt_source_flag   sample 
_pdbx_entity_src_syn.pdbx_beg_seq_num       1 
_pdbx_entity_src_syn.pdbx_end_seq_num       6 
_pdbx_entity_src_syn.organism_scientific    'Homo sapiens' 
_pdbx_entity_src_syn.organism_common_name   ? 
_pdbx_entity_src_syn.ncbi_taxonomy_id       9606 
_pdbx_entity_src_syn.details                ? 
# 
loop_
_chem_comp.id 
_chem_comp.type 
_chem_comp.mon_nstd_flag 
_chem_comp.name 
_chem_comp.pdbx_synonyms 
_chem_comp.formula 
_chem_comp.formula_weight 
GLU 'L-peptide linking' y 'GLUTAMIC ACID'        ? 'C5 H9 N O4'     147.129 
HOH non-polymer         . WATER                  ? 'H2 O'           18.015  
ILE 'L-peptide linking' y ISOLEUCINE             ? 'C6 H13 N O2'    131.173 
LYS 'L-peptide linking' y LYSINE                 ? 'C6 H15 N2 O2 1' 147.195 
TFA non-polymer         . 'trifluoroacetic acid' ? 'C2 H F3 O2'     114.023 
TYR 'L-peptide linking' y TYROSINE               ? 'C9 H11 N O3'    181.189 
VAL 'L-peptide linking' y VALINE                 ? 'C5 H11 N O2'    117.146 
# 
loop_
_pdbx_poly_seq_scheme.asym_id 
_pdbx_poly_seq_scheme.entity_id 
_pdbx_poly_seq_scheme.seq_id 
_pdbx_poly_seq_scheme.mon_id 
_pdbx_poly_seq_scheme.ndb_seq_num 
_pdbx_poly_seq_scheme.pdb_seq_num 
_pdbx_poly_seq_scheme.auth_seq_num 
_pdbx_poly_seq_scheme.pdb_mon_id 
_pdbx_poly_seq_scheme.auth_mon_id 
_pdbx_poly_seq_scheme.pdb_strand_id 
_pdbx_poly_seq_scheme.pdb_ins_code 
_pdbx_poly_seq_scheme.hetero 
A 1 1 ILE 1 1 1 ILE ILE A . n 
A 1 2 TYR 2 2 2 TYR TYR A . n 
A 1 3 LYS 3 3 3 LYS LYS A . n 
A 1 4 VAL 4 4 4 VAL VAL A . n 
A 1 5 GLU 5 5 5 GLU GLU A . n 
A 1 6 ILE 6 6 6 ILE ILE A . n 
B 1 1 ILE 1 1 1 ILE ILE B . n 
B 1 2 TYR 2 2 2 TYR TYR B . n 
B 1 3 LYS 3 3 3 LYS LYS B . n 
B 1 4 VAL 4 4 4 VAL VAL B . n 
B 1 5 GLU 5 5 5 GLU GLU B . n 
B 1 6 ILE 6 6 6 ILE ILE B . n 
# 
loop_
_pdbx_nonpoly_scheme.asym_id 
_pdbx_nonpoly_scheme.entity_id 
_pdbx_nonpoly_scheme.mon_id 
_pdbx_nonpoly_scheme.ndb_seq_num 
_pdbx_nonpoly_scheme.pdb_seq_num 
_pdbx_nonpoly_scheme.auth_seq_num 
_pdbx_nonpoly_scheme.pdb_mon_id 
_pdbx_nonpoly_scheme.auth_mon_id 
_pdbx_nonpoly_scheme.pdb_strand_id 
_pdbx_nonpoly_scheme.pdb_ins_code 
C 2 TFA 1 101 1 TFA TFA A . 
D 3 HOH 1 201 1 HOH HOH A . 
E 3 HOH 1 101 4 HOH HOH B . 
E 3 HOH 2 102 3 HOH HOH B . 
E 3 HOH 3 103 5 HOH HOH B . 
# 
loop_
_software.citation_id 
_software.classification 
_software.compiler_name 
_software.compiler_version 
_software.contact_author 
_software.contact_author_email 
_software.date 
_software.description 
_software.dependencies 
_software.hardware 
_software.language 
_software.location 
_software.mods 
_software.name 
_software.os 
_software.os_version 
_software.type 
_software.version 
_software.pdbx_ordinal 
? 'data scaling'    ? ? ? ? ? ? ? ? ? ? ? XSCALE      ? ? ? .        1 
? refinement        ? ? ? ? ? ? ? ? ? ? ? PHENIX      ? ? ? dev_1555 2 
? 'data extraction' ? ? ? ? ? ? ? ? ? ? ? PDB_EXTRACT ? ? ? 3.24     3 
? 'data reduction'  ? ? ? ? ? ? ? ? ? ? ? XDS         ? ? ? .        4 
? phasing           ? ? ? ? ? ? ? ? ? ? ? PHENIX      ? ? ? .        5 
# 
_cell.angle_alpha                  90.000 
_cell.angle_alpha_esd              ? 
_cell.angle_beta                   95.660 
_cell.angle_beta_esd               ? 
_cell.angle_gamma                  90.000 
_cell.angle_gamma_esd              ? 
_cell.entry_id                     6C3F 
_cell.details                      ? 
_cell.formula_units_Z              ? 
_cell.length_a                     9.600 
_cell.length_a_esd                 ? 
_cell.length_b                     29.450 
_cell.length_b_esd                 ? 
_cell.length_c                     16.030 
_cell.length_c_esd                 ? 
_cell.volume                       ? 
_cell.volume_esd                   ? 
_cell.Z_PDB                        4 
_cell.reciprocal_angle_alpha       ? 
_cell.reciprocal_angle_beta        ? 
_cell.reciprocal_angle_gamma       ? 
_cell.reciprocal_angle_alpha_esd   ? 
_cell.reciprocal_angle_beta_esd    ? 
_cell.reciprocal_angle_gamma_esd   ? 
_cell.reciprocal_length_a          ? 
_cell.reciprocal_length_b          ? 
_cell.reciprocal_length_c          ? 
_cell.reciprocal_length_a_esd      ? 
_cell.reciprocal_length_b_esd      ? 
_cell.reciprocal_length_c_esd      ? 
_cell.pdbx_unique_axis             ? 
# 
_symmetry.entry_id                         6C3F 
_symmetry.cell_setting                     ? 
_symmetry.Int_Tables_number                4 
_symmetry.space_group_name_Hall            ? 
_symmetry.space_group_name_H-M             'P 1 21 1' 
_symmetry.pdbx_full_space_group_name_H-M   ? 
# 
_exptl.absorpt_coefficient_mu     ? 
_exptl.absorpt_correction_T_max   ? 
_exptl.absorpt_correction_T_min   ? 
_exptl.absorpt_correction_type    ? 
_exptl.absorpt_process_details    ? 
_exptl.entry_id                   6C3F 
_exptl.crystals_number            1 
_exptl.details                    ? 
_exptl.method                     'X-RAY DIFFRACTION' 
_exptl.method_details             ? 
# 
_exptl_crystal.colour                      ? 
_exptl_crystal.density_diffrn              ? 
_exptl_crystal.density_Matthews            1.47 
_exptl_crystal.density_method              ? 
_exptl_crystal.density_percent_sol         16.55 
_exptl_crystal.description                 ? 
_exptl_crystal.F_000                       ? 
_exptl_crystal.id                          1 
_exptl_crystal.preparation                 ? 
_exptl_crystal.size_max                    ? 
_exptl_crystal.size_mid                    ? 
_exptl_crystal.size_min                    ? 
_exptl_crystal.size_rad                    ? 
_exptl_crystal.colour_lustre               ? 
_exptl_crystal.colour_modifier             ? 
_exptl_crystal.colour_primary              ? 
_exptl_crystal.density_meas                ? 
_exptl_crystal.density_meas_esd            ? 
_exptl_crystal.density_meas_gt             ? 
_exptl_crystal.density_meas_lt             ? 
_exptl_crystal.density_meas_temp           ? 
_exptl_crystal.density_meas_temp_esd       ? 
_exptl_crystal.density_meas_temp_gt        ? 
_exptl_crystal.density_meas_temp_lt        ? 
_exptl_crystal.pdbx_crystal_image_url      ? 
_exptl_crystal.pdbx_crystal_image_format   ? 
_exptl_crystal.pdbx_mosaicity              ? 
_exptl_crystal.pdbx_mosaicity_esd          ? 
# 
_exptl_crystal_grow.apparatus       ? 
_exptl_crystal_grow.atmosphere      ? 
_exptl_crystal_grow.crystal_id      1 
_exptl_crystal_grow.details         ? 
_exptl_crystal_grow.method          'VAPOR DIFFUSION, HANGING DROP' 
_exptl_crystal_grow.method_ref      ? 
_exptl_crystal_grow.pH              ? 
_exptl_crystal_grow.pressure        ? 
_exptl_crystal_grow.pressure_esd    ? 
_exptl_crystal_grow.seeding         ? 
_exptl_crystal_grow.seeding_ref     ? 
_exptl_crystal_grow.temp            298 
_exptl_crystal_grow.temp_details    ? 
_exptl_crystal_grow.temp_esd        ? 
_exptl_crystal_grow.time            ? 
_exptl_crystal_grow.pdbx_details    '1.5 M NaCl, 10 % v/v ethanol, 25% Glycerol' 
_exptl_crystal_grow.pdbx_pH_range   ? 
# 
_diffrn.ambient_environment    ? 
_diffrn.ambient_temp           100 
_diffrn.ambient_temp_details   ? 
_diffrn.ambient_temp_esd       ? 
_diffrn.crystal_id             1 
_diffrn.crystal_support        ? 
_diffrn.crystal_treatment      ? 
_diffrn.details                ? 
_diffrn.id                     1 
_diffrn.ambient_pressure       ? 
_diffrn.ambient_pressure_esd   ? 
_diffrn.ambient_pressure_gt    ? 
_diffrn.ambient_pressure_lt    ? 
_diffrn.ambient_temp_gt        ? 
_diffrn.ambient_temp_lt        ? 
# 
_diffrn_detector.details                      ? 
_diffrn_detector.detector                     CCD 
_diffrn_detector.diffrn_id                    1 
_diffrn_detector.type                         'ADSC QUANTUM 315' 
_diffrn_detector.area_resol_mean              ? 
_diffrn_detector.dtime                        ? 
_diffrn_detector.pdbx_frames_total            ? 
_diffrn_detector.pdbx_collection_time_total   ? 
_diffrn_detector.pdbx_collection_date         2014-02-28 
# 
_diffrn_radiation.collimation                      ? 
_diffrn_radiation.diffrn_id                        1 
_diffrn_radiation.filter_edge                      ? 
_diffrn_radiation.inhomogeneity                    ? 
_diffrn_radiation.monochromator                    ? 
_diffrn_radiation.polarisn_norm                    ? 
_diffrn_radiation.polarisn_ratio                   ? 
_diffrn_radiation.probe                            ? 
_diffrn_radiation.type                             ? 
_diffrn_radiation.xray_symbol                      ? 
_diffrn_radiation.wavelength_id                    1 
_diffrn_radiation.pdbx_monochromatic_or_laue_m_l   M 
_diffrn_radiation.pdbx_wavelength_list             ? 
_diffrn_radiation.pdbx_wavelength                  ? 
_diffrn_radiation.pdbx_diffrn_protocol             'SINGLE WAVELENGTH' 
_diffrn_radiation.pdbx_analyzer                    ? 
_diffrn_radiation.pdbx_scattering_type             x-ray 
# 
_diffrn_radiation_wavelength.id           1 
_diffrn_radiation_wavelength.wavelength   0.9792 
_diffrn_radiation_wavelength.wt           1.0 
# 
_diffrn_source.current                     ? 
_diffrn_source.details                     ? 
_diffrn_source.diffrn_id                   1 
_diffrn_source.power                       ? 
_diffrn_source.size                        ? 
_diffrn_source.source                      SYNCHROTRON 
_diffrn_source.target                      ? 
_diffrn_source.type                        'APS BEAMLINE 24-ID-E' 
_diffrn_source.voltage                     ? 
_diffrn_source.take-off_angle              ? 
_diffrn_source.pdbx_wavelength_list        0.9792 
_diffrn_source.pdbx_wavelength             ? 
_diffrn_source.pdbx_synchrotron_beamline   24-ID-E 
_diffrn_source.pdbx_synchrotron_site       APS 
# 
_reflns.B_iso_Wilson_estimate            5.020 
_reflns.entry_id                         6C3F 
_reflns.data_reduction_details           ? 
_reflns.data_reduction_method            ? 
_reflns.d_resolution_high                1.4990 
_reflns.d_resolution_low                 15.952 
_reflns.details                          ? 
_reflns.limit_h_max                      ? 
_reflns.limit_h_min                      ? 
_reflns.limit_k_max                      ? 
_reflns.limit_k_min                      ? 
_reflns.limit_l_max                      ? 
_reflns.limit_l_min                      ? 
_reflns.number_all                       ? 
_reflns.number_obs                       1413 
_reflns.observed_criterion               ? 
_reflns.observed_criterion_F_max         ? 
_reflns.observed_criterion_F_min         ? 
_reflns.observed_criterion_I_max         ? 
_reflns.observed_criterion_I_min         ? 
_reflns.observed_criterion_sigma_F       ? 
_reflns.observed_criterion_sigma_I       ? 
_reflns.percent_possible_obs             96.300 
_reflns.R_free_details                   ? 
_reflns.Rmerge_F_all                     ? 
_reflns.Rmerge_F_obs                     ? 
_reflns.Friedel_coverage                 ? 
_reflns.number_gt                        ? 
_reflns.threshold_expression             ? 
_reflns.pdbx_redundancy                  2.735 
_reflns.pdbx_Rmerge_I_obs                0.154 
_reflns.pdbx_Rmerge_I_all                ? 
_reflns.pdbx_Rsym_value                  ? 
_reflns.pdbx_netI_over_av_sigmaI         ? 
_reflns.pdbx_netI_over_sigmaI            5.060 
_reflns.pdbx_res_netI_over_av_sigmaI_2   ? 
_reflns.pdbx_res_netI_over_sigmaI_2      ? 
_reflns.pdbx_chi_squared                 0.974 
_reflns.pdbx_scaling_rejects             ? 
_reflns.pdbx_d_res_high_opt              ? 
_reflns.pdbx_d_res_low_opt               ? 
_reflns.pdbx_d_res_opt_method            ? 
_reflns.phase_calculation_details        ? 
_reflns.pdbx_Rrim_I_all                  0.188 
_reflns.pdbx_Rpim_I_all                  ? 
_reflns.pdbx_d_opt                       ? 
_reflns.pdbx_number_measured_all         ? 
_reflns.pdbx_diffrn_id                   1 
_reflns.pdbx_ordinal                     1 
_reflns.pdbx_CC_half                     0.989 
_reflns.pdbx_R_split                     ? 
# 
loop_
_reflns_shell.d_res_high 
_reflns_shell.d_res_low 
_reflns_shell.meanI_over_sigI_all 
_reflns_shell.meanI_over_sigI_obs 
_reflns_shell.number_measured_all 
_reflns_shell.number_measured_obs 
_reflns_shell.number_possible 
_reflns_shell.number_unique_all 
_reflns_shell.number_unique_obs 
_reflns_shell.percent_possible_all 
_reflns_shell.percent_possible_obs 
_reflns_shell.Rmerge_F_all 
_reflns_shell.Rmerge_F_obs 
_reflns_shell.Rmerge_I_all 
_reflns_shell.Rmerge_I_obs 
_reflns_shell.meanI_over_sigI_gt 
_reflns_shell.meanI_over_uI_all 
_reflns_shell.meanI_over_uI_gt 
_reflns_shell.number_measured_gt 
_reflns_shell.number_unique_gt 
_reflns_shell.percent_possible_gt 
_reflns_shell.Rmerge_F_gt 
_reflns_shell.Rmerge_I_gt 
_reflns_shell.pdbx_redundancy 
_reflns_shell.pdbx_Rsym_value 
_reflns_shell.pdbx_chi_squared 
_reflns_shell.pdbx_netI_over_sigmaI_all 
_reflns_shell.pdbx_netI_over_sigmaI_obs 
_reflns_shell.pdbx_Rrim_I_all 
_reflns_shell.pdbx_Rpim_I_all 
_reflns_shell.pdbx_rejects 
_reflns_shell.pdbx_ordinal 
_reflns_shell.pdbx_diffrn_id 
_reflns_shell.pdbx_CC_half 
_reflns_shell.pdbx_R_split 
1.500 1.560  ? 2.080  ? ? ? ? 145 96.700 ? ? ? ? 0.517 ? ? ? ? ? ? ? ? 2.676 ? ? ? ? 0.634 ? ? 1  1 0.765 ? 
1.560 1.620  ? 2.930  ? ? ? ? 155 95.100 ? ? ? ? 0.357 ? ? ? ? ? ? ? ? 2.787 ? ? ? ? 0.438 ? ? 2  1 0.871 ? 
1.620 1.690  ? 2.610  ? ? ? ? 110 95.700 ? ? ? ? 0.456 ? ? ? ? ? ? ? ? 2.709 ? ? ? ? 0.557 ? ? 3  1 0.800 ? 
1.690 1.770  ? 2.770  ? ? ? ? 142 97.300 ? ? ? ? 0.390 ? ? ? ? ? ? ? ? 2.782 ? ? ? ? 0.475 ? ? 4  1 0.858 ? 
1.770 1.870  ? 3.330  ? ? ? ? 126 97.700 ? ? ? ? 0.316 ? ? ? ? ? ? ? ? 2.698 ? ? ? ? 0.390 ? ? 5  1 0.919 ? 
1.870 1.980  ? 4.570  ? ? ? ? 126 97.700 ? ? ? ? 0.208 ? ? ? ? ? ? ? ? 2.722 ? ? ? ? 0.254 ? ? 6  1 0.931 ? 
1.980 2.120  ? 6.290  ? ? ? ? 96  99.000 ? ? ? ? 0.168 ? ? ? ? ? ? ? ? 2.750 ? ? ? ? 0.205 ? ? 7  1 0.956 ? 
2.120 2.290  ? 6.380  ? ? ? ? 115 98.300 ? ? ? ? 0.157 ? ? ? ? ? ? ? ? 2.748 ? ? ? ? 0.192 ? ? 8  1 0.959 ? 
2.290 2.510  ? 6.650  ? ? ? ? 96  99.000 ? ? ? ? 0.143 ? ? ? ? ? ? ? ? 2.708 ? ? ? ? 0.174 ? ? 9  1 0.985 ? 
2.510 2.800  ? 7.840  ? ? ? ? 79  92.900 ? ? ? ? 0.099 ? ? ? ? ? ? ? ? 2.861 ? ? ? ? 0.124 ? ? 10 1 0.995 ? 
2.800 3.240  ? 8.640  ? ? ? ? 88  96.700 ? ? ? ? 0.091 ? ? ? ? ? ? ? ? 2.705 ? ? ? ? 0.109 ? ? 11 1 0.990 ? 
3.240 3.970  ? 10.470 ? ? ? ? 58  93.500 ? ? ? ? 0.070 ? ? ? ? ? ? ? ? 2.638 ? ? ? ? 0.086 ? ? 12 1 0.992 ? 
3.970 5.610  ? 10.830 ? ? ? ? 52  96.300 ? ? ? ? 0.067 ? ? ? ? ? ? ? ? 2.750 ? ? ? ? 0.082 ? ? 13 1 0.993 ? 
5.610 15.952 ? 7.940  ? ? ? ? 25  78.100 ? ? ? ? 0.078 ? ? ? ? ? ? ? ? 2.760 ? ? ? ? 0.096 ? ? 14 1 0.998 ? 
# 
_refine.aniso_B[1][1]                            ? 
_refine.aniso_B[1][2]                            ? 
_refine.aniso_B[1][3]                            ? 
_refine.aniso_B[2][2]                            ? 
_refine.aniso_B[2][3]                            ? 
_refine.aniso_B[3][3]                            ? 
_refine.B_iso_max                                17.890 
_refine.B_iso_mean                               8.1200 
_refine.B_iso_min                                2.210 
_refine.correlation_coeff_Fo_to_Fc               ? 
_refine.correlation_coeff_Fo_to_Fc_free          ? 
_refine.details                                  ? 
_refine.diff_density_max                         ? 
_refine.diff_density_max_esd                     ? 
_refine.diff_density_min                         ? 
_refine.diff_density_min_esd                     ? 
_refine.diff_density_rms                         ? 
_refine.diff_density_rms_esd                     ? 
_refine.entry_id                                 6C3F 
_refine.pdbx_refine_id                           'X-RAY DIFFRACTION' 
_refine.ls_abs_structure_details                 ? 
_refine.ls_abs_structure_Flack                   ? 
_refine.ls_abs_structure_Flack_esd               ? 
_refine.ls_abs_structure_Rogers                  ? 
_refine.ls_abs_structure_Rogers_esd              ? 
_refine.ls_d_res_high                            1.4990 
_refine.ls_d_res_low                             15.9520 
_refine.ls_extinction_coef                       ? 
_refine.ls_extinction_coef_esd                   ? 
_refine.ls_extinction_expression                 ? 
_refine.ls_extinction_method                     ? 
_refine.ls_goodness_of_fit_all                   ? 
_refine.ls_goodness_of_fit_all_esd               ? 
_refine.ls_goodness_of_fit_obs                   ? 
_refine.ls_goodness_of_fit_obs_esd               ? 
_refine.ls_hydrogen_treatment                    ? 
_refine.ls_matrix_type                           ? 
_refine.ls_number_constraints                    ? 
_refine.ls_number_parameters                     ? 
_refine.ls_number_reflns_all                     ? 
_refine.ls_number_reflns_obs                     1400 
_refine.ls_number_reflns_R_free                  141 
_refine.ls_number_reflns_R_work                  ? 
_refine.ls_number_restraints                     ? 
_refine.ls_percent_reflns_obs                    96.0200 
_refine.ls_percent_reflns_R_free                 10.0700 
_refine.ls_R_factor_all                          ? 
_refine.ls_R_factor_obs                          0.2109 
_refine.ls_R_factor_R_free                       0.2624 
_refine.ls_R_factor_R_free_error                 ? 
_refine.ls_R_factor_R_free_error_details         ? 
_refine.ls_R_factor_R_work                       0.2050 
_refine.ls_R_Fsqd_factor_obs                     ? 
_refine.ls_R_I_factor_obs                        ? 
_refine.ls_redundancy_reflns_all                 ? 
_refine.ls_redundancy_reflns_obs                 ? 
_refine.ls_restrained_S_all                      ? 
_refine.ls_restrained_S_obs                      ? 
_refine.ls_shift_over_esd_max                    ? 
_refine.ls_shift_over_esd_mean                   ? 
_refine.ls_structure_factor_coef                 ? 
_refine.ls_weighting_details                     ? 
_refine.ls_weighting_scheme                      ? 
_refine.ls_wR_factor_all                         ? 
_refine.ls_wR_factor_obs                         ? 
_refine.ls_wR_factor_R_free                      ? 
_refine.ls_wR_factor_R_work                      ? 
_refine.occupancy_max                            ? 
_refine.occupancy_min                            ? 
_refine.solvent_model_details                    ? 
_refine.solvent_model_param_bsol                 ? 
_refine.solvent_model_param_ksol                 ? 
_refine.ls_R_factor_gt                           ? 
_refine.ls_goodness_of_fit_gt                    ? 
_refine.ls_goodness_of_fit_ref                   ? 
_refine.ls_shift_over_su_max                     ? 
_refine.ls_shift_over_su_max_lt                  ? 
_refine.ls_shift_over_su_mean                    ? 
_refine.ls_shift_over_su_mean_lt                 ? 
_refine.pdbx_ls_sigma_I                          ? 
_refine.pdbx_ls_sigma_F                          1.390 
_refine.pdbx_ls_sigma_Fsqd                       ? 
_refine.pdbx_data_cutoff_high_absF               ? 
_refine.pdbx_data_cutoff_high_rms_absF           ? 
_refine.pdbx_data_cutoff_low_absF                ? 
_refine.pdbx_isotropic_thermal_model             ? 
_refine.pdbx_ls_cross_valid_method               THROUGHOUT 
_refine.pdbx_method_to_determine_struct          'MOLECULAR REPLACEMENT' 
_refine.pdbx_starting_model                      ? 
_refine.pdbx_stereochemistry_target_values       ? 
_refine.pdbx_R_Free_selection_details            ? 
_refine.pdbx_stereochem_target_val_spec_case     ? 
_refine.pdbx_overall_ESU_R                       ? 
_refine.pdbx_overall_ESU_R_Free                  ? 
_refine.pdbx_solvent_vdw_probe_radii             1.1100 
_refine.pdbx_solvent_ion_probe_radii             ? 
_refine.pdbx_solvent_shrinkage_radii             0.9000 
_refine.pdbx_real_space_R                        ? 
_refine.pdbx_density_correlation                 ? 
_refine.pdbx_pd_number_of_powder_patterns        ? 
_refine.pdbx_pd_number_of_points                 ? 
_refine.pdbx_pd_meas_number_of_points            ? 
_refine.pdbx_pd_proc_ls_prof_R_factor            ? 
_refine.pdbx_pd_proc_ls_prof_wR_factor           ? 
_refine.pdbx_pd_Marquardt_correlation_coeff      ? 
_refine.pdbx_pd_Fsqrd_R_factor                   ? 
_refine.pdbx_pd_ls_matrix_band_width             ? 
_refine.pdbx_overall_phase_error                 28.8600 
_refine.pdbx_overall_SU_R_free_Cruickshank_DPI   ? 
_refine.pdbx_overall_SU_R_free_Blow_DPI          ? 
_refine.pdbx_overall_SU_R_Blow_DPI               ? 
_refine.pdbx_TLS_residual_ADP_flag               ? 
_refine.pdbx_diffrn_id                           1 
_refine.overall_SU_B                             ? 
_refine.overall_SU_ML                            0.1100 
_refine.overall_SU_R_Cruickshank_DPI             ? 
_refine.overall_SU_R_free                        ? 
_refine.overall_FOM_free_R_set                   ? 
_refine.overall_FOM_work_R_set                   ? 
_refine.pdbx_average_fsc_overall                 ? 
_refine.pdbx_average_fsc_work                    ? 
_refine.pdbx_average_fsc_free                    ? 
# 
_refine_hist.cycle_id                         final 
_refine_hist.pdbx_refine_id                   'X-RAY DIFFRACTION' 
_refine_hist.d_res_high                       1.4990 
_refine_hist.d_res_low                        15.9520 
_refine_hist.pdbx_number_atoms_ligand         7 
_refine_hist.number_atoms_solvent             4 
_refine_hist.number_atoms_total               119 
_refine_hist.pdbx_number_residues_total       12 
_refine_hist.pdbx_B_iso_mean_ligand           14.31 
_refine_hist.pdbx_B_iso_mean_solvent          14.63 
_refine_hist.pdbx_number_atoms_protein        108 
_refine_hist.pdbx_number_atoms_nucleic_acid   0 
# 
loop_
_refine_ls_restr.pdbx_refine_id 
_refine_ls_restr.criterion 
_refine_ls_restr.dev_ideal 
_refine_ls_restr.dev_ideal_target 
_refine_ls_restr.number 
_refine_ls_restr.rejects 
_refine_ls_restr.type 
_refine_ls_restr.weight 
_refine_ls_restr.pdbx_restraint_function 
'X-RAY DIFFRACTION' ? 0.008  ? 114 ? f_bond_d           ? ? 
'X-RAY DIFFRACTION' ? 1.144  ? 153 ? f_angle_d          ? ? 
'X-RAY DIFFRACTION' ? 0.048  ? 18  ? f_chiral_restr     ? ? 
'X-RAY DIFFRACTION' ? 0.004  ? 17  ? f_plane_restr      ? ? 
'X-RAY DIFFRACTION' ? 15.554 ? 43  ? f_dihedral_angle_d ? ? 
# 
_refine_ls_shell.pdbx_refine_id                   'X-RAY DIFFRACTION' 
_refine_ls_shell.d_res_high                       1.4991 
_refine_ls_shell.d_res_low                        1.553 
_refine_ls_shell.number_reflns_all                ? 
_refine_ls_shell.number_reflns_obs                133 
_refine_ls_shell.number_reflns_R_free             ? 
_refine_ls_shell.number_reflns_R_work             ? 
_refine_ls_shell.percent_reflns_obs               95.0000 
_refine_ls_shell.percent_reflns_R_free            10 
_refine_ls_shell.R_factor_all                     ? 
_refine_ls_shell.R_factor_obs                     ? 
_refine_ls_shell.R_factor_R_free                  0.2423 
_refine_ls_shell.R_factor_R_free_error            0.0000 
_refine_ls_shell.R_factor_R_work                  0.3093 
_refine_ls_shell.redundancy_reflns_all            ? 
_refine_ls_shell.redundancy_reflns_obs            ? 
_refine_ls_shell.wR_factor_all                    ? 
_refine_ls_shell.wR_factor_obs                    ? 
_refine_ls_shell.wR_factor_R_free                 ? 
_refine_ls_shell.wR_factor_R_work                 ? 
_refine_ls_shell.pdbx_total_number_of_bins_used   1 
_refine_ls_shell.pdbx_phase_error                 ? 
_refine_ls_shell.pdbx_fsc_work                    ? 
_refine_ls_shell.pdbx_fsc_free                    ? 
# 
_struct.entry_id                     6C3F 
_struct.title                        'AMYLOID FORMING PEPTIDE IYKVEI FROM TRANSTHYRETIN' 
_struct.pdbx_model_details           ? 
_struct.pdbx_formula_weight          ? 
_struct.pdbx_formula_weight_method   ? 
_struct.pdbx_model_type_details      ? 
_struct.pdbx_CASP_flag               N 
# 
_struct_keywords.entry_id        6C3F 
_struct_keywords.text            'amyloid, transthyretin, fibril, PROTEIN FIBRIL' 
_struct_keywords.pdbx_keywords   'PROTEIN FIBRIL' 
# 
loop_
_struct_asym.id 
_struct_asym.pdbx_blank_PDB_chainid_flag 
_struct_asym.pdbx_modified 
_struct_asym.entity_id 
_struct_asym.details 
A N N 1 ? 
B N N 1 ? 
C N N 2 ? 
D N N 3 ? 
E N N 3 ? 
# 
_struct_ref.id                         1 
_struct_ref.db_name                    PDB 
_struct_ref.db_code                    6C3F 
_struct_ref.pdbx_db_accession          6C3F 
_struct_ref.pdbx_db_isoform            ? 
_struct_ref.entity_id                  1 
_struct_ref.pdbx_seq_one_letter_code   ? 
_struct_ref.pdbx_align_begin           1 
# 
loop_
_struct_ref_seq.align_id 
_struct_ref_seq.ref_id 
_struct_ref_seq.pdbx_PDB_id_code 
_struct_ref_seq.pdbx_strand_id 
_struct_ref_seq.seq_align_beg 
_struct_ref_seq.pdbx_seq_align_beg_ins_code 
_struct_ref_seq.seq_align_end 
_struct_ref_seq.pdbx_seq_align_end_ins_code 
_struct_ref_seq.pdbx_db_accession 
_struct_ref_seq.db_align_beg 
_struct_ref_seq.pdbx_db_align_beg_ins_code 
_struct_ref_seq.db_align_end 
_struct_ref_seq.pdbx_db_align_end_ins_code 
_struct_ref_seq.pdbx_auth_seq_align_beg 
_struct_ref_seq.pdbx_auth_seq_align_end 
1 1 6C3F A 1 ? 6 ? 6C3F 1 ? 6 ? 1 6 
2 1 6C3F B 1 ? 6 ? 6C3F 1 ? 6 ? 1 6 
# 
_pdbx_struct_assembly.id                   1 
_pdbx_struct_assembly.details              author_defined_assembly 
_pdbx_struct_assembly.method_details       ? 
_pdbx_struct_assembly.oligomeric_details   eicosameric 
_pdbx_struct_assembly.oligomeric_count     20 
# 
_pdbx_struct_assembly_gen.assembly_id       1 
_pdbx_struct_assembly_gen.oper_expression   1,2,3,4,5,6,7,8,9,10 
_pdbx_struct_assembly_gen.asym_id_list      A,B,C,D,E 
# 
_pdbx_struct_assembly_auth_evidence.id                     1 
_pdbx_struct_assembly_auth_evidence.assembly_id            1 
_pdbx_struct_assembly_auth_evidence.experimental_support   'scanning transmission electron microscopy' 
_pdbx_struct_assembly_auth_evidence.details                ? 
# 
loop_
_pdbx_struct_oper_list.id 
_pdbx_struct_oper_list.type 
_pdbx_struct_oper_list.name 
_pdbx_struct_oper_list.symmetry_operation 
_pdbx_struct_oper_list.matrix[1][1] 
_pdbx_struct_oper_list.matrix[1][2] 
_pdbx_struct_oper_list.matrix[1][3] 
_pdbx_struct_oper_list.vector[1] 
_pdbx_struct_oper_list.matrix[2][1] 
_pdbx_struct_oper_list.matrix[2][2] 
_pdbx_struct_oper_list.matrix[2][3] 
_pdbx_struct_oper_list.vector[2] 
_pdbx_struct_oper_list.matrix[3][1] 
_pdbx_struct_oper_list.matrix[3][2] 
_pdbx_struct_oper_list.matrix[3][3] 
_pdbx_struct_oper_list.vector[3] 
1  'identity operation'         1_555 x,y,z     1.0000000000 0.0000000000 0.0000000000 0.0000000000   0.0000000000 1.0000000000 0.0000000000 0.0000000000   0.0000000000 0.0000000000 1.0000000000 0.0000000000  
2  'crystal symmetry operation' 1_455 x-1,y,z   1.0000000000 0.0000000000 0.0000000000 5.6330218841   0.0000000000 1.0000000000 0.0000000000 -7.6540948138  0.0000000000 0.0000000000 1.0000000000 1.3579017030  
3  'crystal symmetry operation' 1_655 x+1,y,z   1.0000000000 0.0000000000 0.0000000000 -5.6330218841  0.0000000000 1.0000000000 0.0000000000 7.6540948138   0.0000000000 0.0000000000 1.0000000000 -1.3579017030 
4  'crystal symmetry operation' 1_355 x-2,y,z   1.0000000000 0.0000000000 0.0000000000 11.2660437681  0.0000000000 1.0000000000 0.0000000000 -15.3081896276 0.0000000000 0.0000000000 1.0000000000 2.7158034060  
5  'crystal symmetry operation' 1_755 x+2,y,z   1.0000000000 0.0000000000 0.0000000000 -11.2660437681 0.0000000000 1.0000000000 0.0000000000 15.3081896276  0.0000000000 0.0000000000 1.0000000000 -2.7158034060 
6  'crystal symmetry operation' 1_556 x,y,z+1   1.0000000000 0.0000000000 0.0000000000 -10.2358928779 0.0000000000 1.0000000000 0.0000000000 -7.8238452928  0.0000000000 0.0000000000 1.0000000000 9.5380732764  
7  'crystal symmetry operation' 1_456 x-1,y,z+1 1.0000000000 0.0000000000 0.0000000000 -4.6028709938  0.0000000000 1.0000000000 0.0000000000 -15.4779401067 0.0000000000 0.0000000000 1.0000000000 10.8959749794 
8  'crystal symmetry operation' 1_656 x+1,y,z+1 1.0000000000 0.0000000000 0.0000000000 -15.8689147619 0.0000000000 1.0000000000 0.0000000000 -0.1697504790  0.0000000000 0.0000000000 1.0000000000 8.1801715734  
9  'crystal symmetry operation' 1_356 x-2,y,z+1 1.0000000000 0.0000000000 0.0000000000 1.0301508902   0.0000000000 1.0000000000 0.0000000000 -23.1320349205 0.0000000000 0.0000000000 1.0000000000 12.2538766825 
10 'crystal symmetry operation' 1_756 x+2,y,z+1 1.0000000000 0.0000000000 0.0000000000 -21.5019366460 0.0000000000 1.0000000000 0.0000000000 7.4843443348   0.0000000000 0.0000000000 1.0000000000 6.8222698704 
# 
_struct_sheet.id               AA1 
_struct_sheet.type             ? 
_struct_sheet.number_strands   2 
_struct_sheet.details          ? 
# 
_struct_sheet_order.sheet_id     AA1 
_struct_sheet_order.range_id_1   1 
_struct_sheet_order.range_id_2   2 
_struct_sheet_order.offset       ? 
_struct_sheet_order.sense        anti-parallel 
# 
loop_
_struct_sheet_range.sheet_id 
_struct_sheet_range.id 
_struct_sheet_range.beg_label_comp_id 
_struct_sheet_range.beg_label_asym_id 
_struct_sheet_range.beg_label_seq_id 
_struct_sheet_range.pdbx_beg_PDB_ins_code 
_struct_sheet_range.end_label_comp_id 
_struct_sheet_range.end_label_asym_id 
_struct_sheet_range.end_label_seq_id 
_struct_sheet_range.pdbx_end_PDB_ins_code 
_struct_sheet_range.beg_auth_comp_id 
_struct_sheet_range.beg_auth_asym_id 
_struct_sheet_range.beg_auth_seq_id 
_struct_sheet_range.end_auth_comp_id 
_struct_sheet_range.end_auth_asym_id 
_struct_sheet_range.end_auth_seq_id 
AA1 1 TYR A 2 ? GLU A 5 ? TYR A 2 GLU A 5 
AA1 2 TYR B 2 ? GLU B 5 ? TYR B 2 GLU B 5 
# 
_pdbx_struct_sheet_hbond.sheet_id                AA1 
_pdbx_struct_sheet_hbond.range_id_1              1 
_pdbx_struct_sheet_hbond.range_id_2              2 
_pdbx_struct_sheet_hbond.range_1_label_atom_id   N 
_pdbx_struct_sheet_hbond.range_1_label_comp_id   TYR 
_pdbx_struct_sheet_hbond.range_1_label_asym_id   A 
_pdbx_struct_sheet_hbond.range_1_label_seq_id    2 
_pdbx_struct_sheet_hbond.range_1_PDB_ins_code    ? 
_pdbx_struct_sheet_hbond.range_1_auth_atom_id    N 
_pdbx_struct_sheet_hbond.range_1_auth_comp_id    TYR 
_pdbx_struct_sheet_hbond.range_1_auth_asym_id    A 
_pdbx_struct_sheet_hbond.range_1_auth_seq_id     2 
_pdbx_struct_sheet_hbond.range_2_label_atom_id   O 
_pdbx_struct_sheet_hbond.range_2_label_comp_id   GLU 
_pdbx_struct_sheet_hbond.range_2_label_asym_id   B 
_pdbx_struct_sheet_hbond.range_2_label_seq_id    5 
_pdbx_struct_sheet_hbond.range_2_PDB_ins_code    ? 
_pdbx_struct_sheet_hbond.range_2_auth_atom_id    O 
_pdbx_struct_sheet_hbond.range_2_auth_comp_id    GLU 
_pdbx_struct_sheet_hbond.range_2_auth_asym_id    B 
_pdbx_struct_sheet_hbond.range_2_auth_seq_id     5 
# 
_struct_site.id                   AC1 
_struct_site.pdbx_evidence_code   Software 
_struct_site.pdbx_auth_asym_id    A 
_struct_site.pdbx_auth_comp_id    TFA 
_struct_site.pdbx_auth_seq_id     101 
_struct_site.pdbx_auth_ins_code   ? 
_struct_site.pdbx_num_residues    5 
_struct_site.details              'binding site for residue TFA A 101' 
# 
loop_
_struct_site_gen.id 
_struct_site_gen.site_id 
_struct_site_gen.pdbx_num_res 
_struct_site_gen.label_comp_id 
_struct_site_gen.label_asym_id 
_struct_site_gen.label_seq_id 
_struct_site_gen.pdbx_auth_ins_code 
_struct_site_gen.auth_comp_id 
_struct_site_gen.auth_asym_id 
_struct_site_gen.auth_seq_id 
_struct_site_gen.label_atom_id 
_struct_site_gen.label_alt_id 
_struct_site_gen.symmetry 
_struct_site_gen.details 
1 AC1 5 ILE A 1 ? ILE A 1 . ? 1_555 ? 
2 AC1 5 TYR A 2 ? TYR A 2 . ? 1_556 ? 
3 AC1 5 VAL A 4 ? VAL A 4 . ? 1_556 ? 
4 AC1 5 LYS B 3 ? LYS B 3 . ? 1_656 ? 
5 AC1 5 ILE B 6 ? ILE B 6 . ? 1_555 ? 
# 
loop_
_chem_comp_atom.comp_id 
_chem_comp_atom.atom_id 
_chem_comp_atom.type_symbol 
_chem_comp_atom.pdbx_aromatic_flag 
_chem_comp_atom.pdbx_stereo_config 
_chem_comp_atom.pdbx_ordinal 
GLU N    N N N 1   
GLU CA   C N S 2   
GLU C    C N N 3   
GLU O    O N N 4   
GLU CB   C N N 5   
GLU CG   C N N 6   
GLU CD   C N N 7   
GLU OE1  O N N 8   
GLU OE2  O N N 9   
GLU OXT  O N N 10  
GLU H    H N N 11  
GLU H2   H N N 12  
GLU HA   H N N 13  
GLU HB2  H N N 14  
GLU HB3  H N N 15  
GLU HG2  H N N 16  
GLU HG3  H N N 17  
GLU HE2  H N N 18  
GLU HXT  H N N 19  
HOH O    O N N 20  
HOH H1   H N N 21  
HOH H2   H N N 22  
ILE N    N N N 23  
ILE CA   C N S 24  
ILE C    C N N 25  
ILE O    O N N 26  
ILE CB   C N S 27  
ILE CG1  C N N 28  
ILE CG2  C N N 29  
ILE CD1  C N N 30  
ILE OXT  O N N 31  
ILE H    H N N 32  
ILE H2   H N N 33  
ILE HA   H N N 34  
ILE HB   H N N 35  
ILE HG12 H N N 36  
ILE HG13 H N N 37  
ILE HG21 H N N 38  
ILE HG22 H N N 39  
ILE HG23 H N N 40  
ILE HD11 H N N 41  
ILE HD12 H N N 42  
ILE HD13 H N N 43  
ILE HXT  H N N 44  
LYS N    N N N 45  
LYS CA   C N S 46  
LYS C    C N N 47  
LYS O    O N N 48  
LYS CB   C N N 49  
LYS CG   C N N 50  
LYS CD   C N N 51  
LYS CE   C N N 52  
LYS NZ   N N N 53  
LYS OXT  O N N 54  
LYS H    H N N 55  
LYS H2   H N N 56  
LYS HA   H N N 57  
LYS HB2  H N N 58  
LYS HB3  H N N 59  
LYS HG2  H N N 60  
LYS HG3  H N N 61  
LYS HD2  H N N 62  
LYS HD3  H N N 63  
LYS HE2  H N N 64  
LYS HE3  H N N 65  
LYS HZ1  H N N 66  
LYS HZ2  H N N 67  
LYS HZ3  H N N 68  
LYS HXT  H N N 69  
TFA C1   C N N 70  
TFA C2   C N N 71  
TFA O    O N N 72  
TFA F1   F N N 73  
TFA F2   F N N 74  
TFA F3   F N N 75  
TFA OXT  O N N 76  
TFA HXT  H N N 77  
TYR N    N N N 78  
TYR CA   C N S 79  
TYR C    C N N 80  
TYR O    O N N 81  
TYR CB   C N N 82  
TYR CG   C Y N 83  
TYR CD1  C Y N 84  
TYR CD2  C Y N 85  
TYR CE1  C Y N 86  
TYR CE2  C Y N 87  
TYR CZ   C Y N 88  
TYR OH   O N N 89  
TYR OXT  O N N 90  
TYR H    H N N 91  
TYR H2   H N N 92  
TYR HA   H N N 93  
TYR HB2  H N N 94  
TYR HB3  H N N 95  
TYR HD1  H N N 96  
TYR HD2  H N N 97  
TYR HE1  H N N 98  
TYR HE2  H N N 99  
TYR HH   H N N 100 
TYR HXT  H N N 101 
VAL N    N N N 102 
VAL CA   C N S 103 
VAL C    C N N 104 
VAL O    O N N 105 
VAL CB   C N N 106 
VAL CG1  C N N 107 
VAL CG2  C N N 108 
VAL OXT  O N N 109 
VAL H    H N N 110 
VAL H2   H N N 111 
VAL HA   H N N 112 
VAL HB   H N N 113 
VAL HG11 H N N 114 
VAL HG12 H N N 115 
VAL HG13 H N N 116 
VAL HG21 H N N 117 
VAL HG22 H N N 118 
VAL HG23 H N N 119 
VAL HXT  H N N 120 
# 
loop_
_chem_comp_bond.comp_id 
_chem_comp_bond.atom_id_1 
_chem_comp_bond.atom_id_2 
_chem_comp_bond.value_order 
_chem_comp_bond.pdbx_aromatic_flag 
_chem_comp_bond.pdbx_stereo_config 
_chem_comp_bond.pdbx_ordinal 
GLU N   CA   sing N N 1   
GLU N   H    sing N N 2   
GLU N   H2   sing N N 3   
GLU CA  C    sing N N 4   
GLU CA  CB   sing N N 5   
GLU CA  HA   sing N N 6   
GLU C   O    doub N N 7   
GLU C   OXT  sing N N 8   
GLU CB  CG   sing N N 9   
GLU CB  HB2  sing N N 10  
GLU CB  HB3  sing N N 11  
GLU CG  CD   sing N N 12  
GLU CG  HG2  sing N N 13  
GLU CG  HG3  sing N N 14  
GLU CD  OE1  doub N N 15  
GLU CD  OE2  sing N N 16  
GLU OE2 HE2  sing N N 17  
GLU OXT HXT  sing N N 18  
HOH O   H1   sing N N 19  
HOH O   H2   sing N N 20  
ILE N   CA   sing N N 21  
ILE N   H    sing N N 22  
ILE N   H2   sing N N 23  
ILE CA  C    sing N N 24  
ILE CA  CB   sing N N 25  
ILE CA  HA   sing N N 26  
ILE C   O    doub N N 27  
ILE C   OXT  sing N N 28  
ILE CB  CG1  sing N N 29  
ILE CB  CG2  sing N N 30  
ILE CB  HB   sing N N 31  
ILE CG1 CD1  sing N N 32  
ILE CG1 HG12 sing N N 33  
ILE CG1 HG13 sing N N 34  
ILE CG2 HG21 sing N N 35  
ILE CG2 HG22 sing N N 36  
ILE CG2 HG23 sing N N 37  
ILE CD1 HD11 sing N N 38  
ILE CD1 HD12 sing N N 39  
ILE CD1 HD13 sing N N 40  
ILE OXT HXT  sing N N 41  
LYS N   CA   sing N N 42  
LYS N   H    sing N N 43  
LYS N   H2   sing N N 44  
LYS CA  C    sing N N 45  
LYS CA  CB   sing N N 46  
LYS CA  HA   sing N N 47  
LYS C   O    doub N N 48  
LYS C   OXT  sing N N 49  
LYS CB  CG   sing N N 50  
LYS CB  HB2  sing N N 51  
LYS CB  HB3  sing N N 52  
LYS CG  CD   sing N N 53  
LYS CG  HG2  sing N N 54  
LYS CG  HG3  sing N N 55  
LYS CD  CE   sing N N 56  
LYS CD  HD2  sing N N 57  
LYS CD  HD3  sing N N 58  
LYS CE  NZ   sing N N 59  
LYS CE  HE2  sing N N 60  
LYS CE  HE3  sing N N 61  
LYS NZ  HZ1  sing N N 62  
LYS NZ  HZ2  sing N N 63  
LYS NZ  HZ3  sing N N 64  
LYS OXT HXT  sing N N 65  
TFA C1  C2   sing N N 66  
TFA C1  O    doub N N 67  
TFA C1  OXT  sing N N 68  
TFA C2  F1   sing N N 69  
TFA C2  F2   sing N N 70  
TFA C2  F3   sing N N 71  
TFA OXT HXT  sing N N 72  
TYR N   CA   sing N N 73  
TYR N   H    sing N N 74  
TYR N   H2   sing N N 75  
TYR CA  C    sing N N 76  
TYR CA  CB   sing N N 77  
TYR CA  HA   sing N N 78  
TYR C   O    doub N N 79  
TYR C   OXT  sing N N 80  
TYR CB  CG   sing N N 81  
TYR CB  HB2  sing N N 82  
TYR CB  HB3  sing N N 83  
TYR CG  CD1  doub Y N 84  
TYR CG  CD2  sing Y N 85  
TYR CD1 CE1  sing Y N 86  
TYR CD1 HD1  sing N N 87  
TYR CD2 CE2  doub Y N 88  
TYR CD2 HD2  sing N N 89  
TYR CE1 CZ   doub Y N 90  
TYR CE1 HE1  sing N N 91  
TYR CE2 CZ   sing Y N 92  
TYR CE2 HE2  sing N N 93  
TYR CZ  OH   sing N N 94  
TYR OH  HH   sing N N 95  
TYR OXT HXT  sing N N 96  
VAL N   CA   sing N N 97  
VAL N   H    sing N N 98  
VAL N   H2   sing N N 99  
VAL CA  C    sing N N 100 
VAL CA  CB   sing N N 101 
VAL CA  HA   sing N N 102 
VAL C   O    doub N N 103 
VAL C   OXT  sing N N 104 
VAL CB  CG1  sing N N 105 
VAL CB  CG2  sing N N 106 
VAL CB  HB   sing N N 107 
VAL CG1 HG11 sing N N 108 
VAL CG1 HG12 sing N N 109 
VAL CG1 HG13 sing N N 110 
VAL CG2 HG21 sing N N 111 
VAL CG2 HG22 sing N N 112 
VAL CG2 HG23 sing N N 113 
VAL OXT HXT  sing N N 114 
# 
_pdbx_audit_support.funding_organization   'Seventh Framework Programme for Research' 
_pdbx_audit_support.country                'United States' 
_pdbx_audit_support.grant_number           298559 
_pdbx_audit_support.ordinal                1 
# 
_atom_sites.entry_id                    6C3F 
_atom_sites.fract_transf_matrix[1][1]   -0.06835232 
_atom_sites.fract_transf_matrix[1][2]   0.07880185 
_atom_sites.fract_transf_matrix[1][3]   -0.00870185 
_atom_sites.fract_transf_matrix[2][1]   -0.01383212 
_atom_sites.fract_transf_matrix[2][2]   -0.01499539 
_atom_sites.fract_transf_matrix[2][3]   -0.02714444 
_atom_sites.fract_transf_matrix[3][1]   -0.04387155 
_atom_sites.fract_transf_matrix[3][2]   -0.02579322 
_atom_sites.fract_transf_matrix[3][3]   0.03660476 
_atom_sites.fract_transf_vector[1]      0.066099 
_atom_sites.fract_transf_vector[2]      -0.002838 
_atom_sites.fract_transf_vector[3]      0.245600 
# 
loop_
_atom_type.symbol 
C 
F 
N 
O 
# 
loop_
_atom_site.group_PDB 
_atom_site.id 
_atom_site.type_symbol 
_atom_site.label_atom_id 
_atom_site.label_alt_id 
_atom_site.label_comp_id 
_atom_site.label_asym_id 
_atom_site.label_entity_id 
_atom_site.label_seq_id 
_atom_site.pdbx_PDB_ins_code 
_atom_site.Cartn_x 
_atom_site.Cartn_y 
_atom_site.Cartn_z 
_atom_site.occupancy 
_atom_site.B_iso_or_equiv 
_atom_site.pdbx_formal_charge 
_atom_site.auth_seq_id 
_atom_site.auth_comp_id 
_atom_site.auth_asym_id 
_atom_site.auth_atom_id 
_atom_site.pdbx_PDB_model_num 
ATOM   1   N N   . ILE A 1 1 ? -4.023 1.482  8.614   1.00 14.05 ? 1   ILE A N   1 
ATOM   2   C CA  . ILE A 1 1 ? -4.515 0.778  7.433   1.00 9.47  ? 1   ILE A CA  1 
ATOM   3   C C   . ILE A 1 1 ? -4.318 1.591  6.169   1.00 6.97  ? 1   ILE A C   1 
ATOM   4   O O   . ILE A 1 1 ? -4.909 2.652  6.033   1.00 7.07  ? 1   ILE A O   1 
ATOM   5   C CB  . ILE A 1 1 ? -6.007 0.467  7.553   1.00 10.56 ? 1   ILE A CB  1 
ATOM   6   C CG1 . ILE A 1 1 ? -6.308 -0.145 8.918   1.00 13.35 ? 1   ILE A CG1 1 
ATOM   7   C CG2 . ILE A 1 1 ? -6.442 -0.432 6.431   1.00 6.80  ? 1   ILE A CG2 1 
ATOM   8   C CD1 . ILE A 1 1 ? -7.531 0.469  9.590   1.00 10.04 ? 1   ILE A CD1 1 
ATOM   9   N N   . TYR A 1 2 ? -3.498 1.115  5.236   1.00 6.19  ? 2   TYR A N   1 
ATOM   10  C CA  . TYR A 1 2 ? -3.346 1.857  3.992   1.00 5.09  ? 2   TYR A CA  1 
ATOM   11  C C   . TYR A 1 2 ? -2.844 1.008  2.839   1.00 4.26  ? 2   TYR A C   1 
ATOM   12  O O   . TYR A 1 2 ? -2.254 -0.059 3.029   1.00 2.56  ? 2   TYR A O   1 
ATOM   13  C CB  . TYR A 1 2 ? -2.408 3.058  4.189   1.00 7.09  ? 2   TYR A CB  1 
ATOM   14  C CG  . TYR A 1 2 ? -0.951 2.744  4.486   1.00 5.83  ? 2   TYR A CG  1 
ATOM   15  C CD1 . TYR A 1 2 ? -0.048 2.464  3.462   1.00 7.67  ? 2   TYR A CD1 1 
ATOM   16  C CD2 . TYR A 1 2 ? -0.461 2.786  5.789   1.00 7.76  ? 2   TYR A CD2 1 
ATOM   17  C CE1 . TYR A 1 2 ? 1.286  2.197  3.733   1.00 8.20  ? 2   TYR A CE1 1 
ATOM   18  C CE2 . TYR A 1 2 ? 0.884  2.518  6.073   1.00 9.13  ? 2   TYR A CE2 1 
ATOM   19  C CZ  . TYR A 1 2 ? 1.754  2.232  5.038   1.00 9.12  ? 2   TYR A CZ  1 
ATOM   20  O OH  . TYR A 1 2 ? 3.088  1.969  5.298   1.00 12.08 ? 2   TYR A OH  1 
ATOM   21  N N   . LYS A 1 3 ? -3.090 1.511  1.635   1.00 3.10  ? 3   LYS A N   1 
ATOM   22  C CA  . LYS A 1 3 ? -2.489 0.967  0.430   1.00 3.26  ? 3   LYS A CA  1 
ATOM   23  C C   . LYS A 1 3 ? -1.915 2.115  -0.380  1.00 3.19  ? 3   LYS A C   1 
ATOM   24  O O   . LYS A 1 3 ? -2.555 3.147  -0.548  1.00 3.06  ? 3   LYS A O   1 
ATOM   25  C CB  . LYS A 1 3 ? -3.502 0.182  -0.406  1.00 4.47  ? 3   LYS A CB  1 
ATOM   26  C CG  . LYS A 1 3 ? -2.957 -0.194 -1.779  1.00 5.87  ? 3   LYS A CG  1 
ATOM   27  C CD  . LYS A 1 3 ? -3.896 -1.133 -2.504  1.00 7.44  ? 3   LYS A CD  1 
ATOM   28  C CE  . LYS A 1 3 ? -3.333 -1.529 -3.850  1.00 11.52 ? 3   LYS A CE  1 
ATOM   29  N NZ  . LYS A 1 3 ? -4.210 -2.541 -4.485  1.00 14.20 ? 3   LYS A NZ  1 
ATOM   30  N N   . VAL A 1 4 ? -0.691 1.937  -0.851  1.00 3.16  ? 4   VAL A N   1 
ATOM   31  C CA  . VAL A 1 4 ? -0.034 2.889  -1.732  1.00 3.52  ? 4   VAL A CA  1 
ATOM   32  C C   . VAL A 1 4 ? 0.414  2.155  -2.995  1.00 4.13  ? 4   VAL A C   1 
ATOM   33  O O   . VAL A 1 4 ? 0.948  1.055  -2.926  1.00 2.21  ? 4   VAL A O   1 
ATOM   34  C CB  . VAL A 1 4 ? 1.178  3.547  -1.047  1.00 5.72  ? 4   VAL A CB  1 
ATOM   35  C CG1 . VAL A 1 4 ? 1.929  4.460  -2.013  1.00 10.99 ? 4   VAL A CG1 1 
ATOM   36  C CG2 . VAL A 1 4 ? 0.721  4.313  0.159   1.00 9.57  ? 4   VAL A CG2 1 
ATOM   37  N N   . GLU A 1 5 ? 0.179  2.756  -4.150  1.00 3.43  ? 5   GLU A N   1 
ATOM   38  C CA  . GLU A 1 5 ? 0.546  2.109  -5.396  1.00 5.03  ? 5   GLU A CA  1 
ATOM   39  C C   . GLU A 1 5 ? 0.980  3.121  -6.437  1.00 4.62  ? 5   GLU A C   1 
ATOM   40  O O   . GLU A 1 5 ? 0.340  4.158  -6.631  1.00 3.90  ? 5   GLU A O   1 
ATOM   41  C CB  . GLU A 1 5 ? -0.614 1.266  -5.942  1.00 6.16  ? 5   GLU A CB  1 
ATOM   42  C CG  . GLU A 1 5 ? -0.326 0.688  -7.330  1.00 10.36 ? 5   GLU A CG  1 
ATOM   43  C CD  . GLU A 1 5 ? -1.328 -0.374 -7.744  1.00 14.05 ? 5   GLU A CD  1 
ATOM   44  O OE1 . GLU A 1 5 ? -1.736 -1.163 -6.875  1.00 14.81 ? 5   GLU A OE1 1 
ATOM   45  O OE2 . GLU A 1 5 ? -1.708 -0.414 -8.932  1.00 12.38 ? 5   GLU A OE2 1 
ATOM   46  N N   . ILE A 1 6 ? 2.087  2.820  -7.097  1.00 4.46  ? 6   ILE A N   1 
ATOM   47  C CA  . ILE A 1 6 ? 2.534  3.630  -8.213  1.00 7.54  ? 6   ILE A CA  1 
ATOM   48  C C   . ILE A 1 6 ? 2.413  2.776  -9.448  1.00 9.14  ? 6   ILE A C   1 
ATOM   49  O O   . ILE A 1 6 ? 3.059  1.727  -9.536  1.00 8.12  ? 6   ILE A O   1 
ATOM   50  C CB  . ILE A 1 6 ? 3.979  4.124  -8.055  1.00 6.32  ? 6   ILE A CB  1 
ATOM   51  C CG1 . ILE A 1 6 ? 4.108  4.980  -6.794  1.00 6.52  ? 6   ILE A CG1 1 
ATOM   52  C CG2 . ILE A 1 6 ? 4.395  4.900  -9.294  1.00 6.65  ? 6   ILE A CG2 1 
ATOM   53  C CD1 . ILE A 1 6 ? 5.531  5.392  -6.471  1.00 6.36  ? 6   ILE A CD1 1 
ATOM   54  O OXT . ILE A 1 6 ? 1.645  3.118  -10.350 1.00 11.60 ? 6   ILE A OXT 1 
ATOM   55  N N   . ILE B 1 1 ? 4.726  -0.844 -8.547  1.00 6.97  ? 1   ILE B N   1 
ATOM   56  C CA  . ILE B 1 1 ? 5.219  -0.960 -7.178  1.00 5.07  ? 1   ILE B CA  1 
ATOM   57  C C   . ILE B 1 1 ? 4.089  -0.644 -6.196  1.00 4.56  ? 1   ILE B C   1 
ATOM   58  O O   . ILE B 1 1 ? 3.313  0.282  -6.413  1.00 5.42  ? 1   ILE B O   1 
ATOM   59  C CB  . ILE B 1 1 ? 6.434  -0.027 -6.942  1.00 6.43  ? 1   ILE B CB  1 
ATOM   60  C CG1 . ILE B 1 1 ? 6.908  -0.063 -5.487  1.00 9.74  ? 1   ILE B CG1 1 
ATOM   61  C CG2 . ILE B 1 1 ? 6.117  1.406  -7.342  1.00 7.33  ? 1   ILE B CG2 1 
ATOM   62  C CD1 . ILE B 1 1 ? 8.184  0.733  -5.245  1.00 8.16  ? 1   ILE B CD1 1 
ATOM   63  N N   . TYR B 1 2 ? 3.972  -1.421 -5.129  1.00 4.17  ? 2   TYR B N   1 
ATOM   64  C CA  . TYR B 1 2 ? 2.952  -1.107 -4.136  1.00 4.60  ? 2   TYR B CA  1 
ATOM   65  C C   . TYR B 1 2 ? 3.271  -1.620 -2.759  1.00 3.55  ? 2   TYR B C   1 
ATOM   66  O O   . TYR B 1 2 ? 4.116  -2.483 -2.582  1.00 4.48  ? 2   TYR B O   1 
ATOM   67  C CB  . TYR B 1 2 ? 1.585  -1.652 -4.562  1.00 7.43  ? 2   TYR B CB  1 
ATOM   68  C CG  . TYR B 1 2 ? 1.432  -3.162 -4.562  1.00 8.52  ? 2   TYR B CG  1 
ATOM   69  C CD1 . TYR B 1 2 ? 1.850  -3.916 -5.654  1.00 9.53  ? 2   TYR B CD1 1 
ATOM   70  C CD2 . TYR B 1 2 ? 0.818  -3.827 -3.494  1.00 10.18 ? 2   TYR B CD2 1 
ATOM   71  C CE1 . TYR B 1 2 ? 1.691  -5.294 -5.684  1.00 11.03 ? 2   TYR B CE1 1 
ATOM   72  C CE2 . TYR B 1 2 ? 0.658  -5.218 -3.514  1.00 10.37 ? 2   TYR B CE2 1 
ATOM   73  C CZ  . TYR B 1 2 ? 1.100  -5.938 -4.621  1.00 13.21 ? 2   TYR B CZ  1 
ATOM   74  O OH  . TYR B 1 2 ? 0.959  -7.311 -4.687  1.00 15.83 ? 2   TYR B OH  1 
ATOM   75  N N   . LYS B 1 3 ? 2.576  -1.059 -1.784  1.00 3.71  ? 3   LYS B N   1 
ATOM   76  C CA  . LYS B 1 3 ? 2.631  -1.527 -0.415  1.00 3.79  ? 3   LYS B CA  1 
ATOM   77  C C   . LYS B 1 3 ? 1.223  -1.544 0.158   1.00 3.14  ? 3   LYS B C   1 
ATOM   78  O O   . LYS B 1 3 ? 0.464  -0.596 -0.028  1.00 3.50  ? 3   LYS B O   1 
ATOM   79  C CB  . LYS B 1 3 ? 3.539  -0.638 0.424   1.00 4.56  ? 3   LYS B CB  1 
ATOM   80  C CG  . LYS B 1 3 ? 3.615  -1.040 1.878   1.00 6.85  ? 3   LYS B CG  1 
ATOM   81  C CD  . LYS B 1 3 ? 4.631  -0.191 2.639   1.00 6.82  ? 3   LYS B CD  1 
ATOM   82  C CE  . LYS B 1 3 ? 4.673  -0.594 4.107   1.00 10.43 ? 3   LYS B CE  1 
ATOM   83  N NZ  . LYS B 1 3 ? 5.663  0.222  4.876   1.00 12.14 ? 3   LYS B NZ  1 
ATOM   84  N N   . VAL B 1 4 ? 0.867  -2.628 0.832   1.00 3.09  ? 4   VAL B N   1 
ATOM   85  C CA  . VAL B 1 4 ? -0.371 -2.675 1.598   1.00 4.58  ? 4   VAL B CA  1 
ATOM   86  C C   . VAL B 1 4 ? -0.043 -2.981 3.045   1.00 4.44  ? 4   VAL B C   1 
ATOM   87  O O   . VAL B 1 4 ? 0.812  -3.808 3.330   1.00 3.57  ? 4   VAL B O   1 
ATOM   88  C CB  . VAL B 1 4 ? -1.358 -3.727 1.054   1.00 4.81  ? 4   VAL B CB  1 
ATOM   89  C CG1 . VAL B 1 4 ? -1.952 -3.240 -0.246  1.00 6.36  ? 4   VAL B CG1 1 
ATOM   90  C CG2 . VAL B 1 4 ? -0.681 -5.091 0.878   1.00 3.37  ? 4   VAL B CG2 1 
ATOM   91  N N   . GLU B 1 5 ? -0.715 -2.316 3.970   1.00 3.84  ? 5   GLU B N   1 
ATOM   92  C CA  . GLU B 1 5 ? -0.413 -2.565 5.366   1.00 5.03  ? 5   GLU B CA  1 
ATOM   93  C C   . GLU B 1 5 ? -1.631 -2.490 6.275   1.00 6.75  ? 5   GLU B C   1 
ATOM   94  O O   . GLU B 1 5 ? -2.492 -1.617 6.129   1.00 6.27  ? 5   GLU B O   1 
ATOM   95  C CB  . GLU B 1 5 ? 0.655  -1.589 5.855   1.00 6.21  ? 5   GLU B CB  1 
ATOM   96  C CG  . GLU B 1 5 ? 0.819  -1.616 7.359   1.00 8.29  ? 5   GLU B CG  1 
ATOM   97  C CD  . GLU B 1 5 ? 1.953  -0.761 7.836   1.00 12.04 ? 5   GLU B CD  1 
ATOM   98  O OE1 . GLU B 1 5 ? 1.801  -0.119 8.902   1.00 17.15 ? 5   GLU B OE1 1 
ATOM   99  O OE2 . GLU B 1 5 ? 2.992  -0.734 7.140   1.00 10.96 ? 5   GLU B OE2 1 
ATOM   100 N N   . ILE B 1 6 ? -1.699 -3.427 7.214   1.00 6.91  ? 6   ILE B N   1 
ATOM   101 C CA  . ILE B 1 6 ? -2.716 -3.396 8.250   1.00 6.78  ? 6   ILE B CA  1 
ATOM   102 C C   . ILE B 1 6 ? -2.077 -3.311 9.638   1.00 11.07 ? 6   ILE B C   1 
ATOM   103 O O   . ILE B 1 6 ? -1.137 -4.031 9.970   1.00 11.63 ? 6   ILE B O   1 
ATOM   104 C CB  . ILE B 1 6 ? -3.630 -4.614 8.180   1.00 9.33  ? 6   ILE B CB  1 
ATOM   105 C CG1 . ILE B 1 6 ? -4.347 -4.653 6.830   1.00 7.79  ? 6   ILE B CG1 1 
ATOM   106 C CG2 . ILE B 1 6 ? -4.653 -4.550 9.306   1.00 9.28  ? 6   ILE B CG2 1 
ATOM   107 C CD1 . ILE B 1 6 ? -5.324 -5.803 6.682   1.00 8.63  ? 6   ILE B CD1 1 
ATOM   108 O OXT . ILE B 1 6 ? -2.493 -2.497 10.464  1.00 17.89 ? 6   ILE B OXT 1 
HETATM 109 C C1  . TFA C 2 . ? -7.426 -1.745 13.078  1.00 14.40 ? 101 TFA A C1  1 
HETATM 110 C C2  . TFA C 2 . ? -6.281 -2.693 12.786  1.00 13.88 ? 101 TFA A C2  1 
HETATM 111 O O   . TFA C 2 . ? -8.033 -1.183 12.127  1.00 13.23 ? 101 TFA A O   1 
HETATM 112 F F1  . TFA C 2 . ? -5.690 -3.016 13.955  1.00 17.86 ? 101 TFA A F1  1 
HETATM 113 F F2  . TFA C 2 . ? -6.737 -3.804 12.195  1.00 12.12 ? 101 TFA A F2  1 
HETATM 114 F F3  . TFA C 2 . ? -5.423 -2.089 11.952  1.00 14.17 ? 101 TFA A F3  1 
HETATM 115 O OXT . TFA C 2 . ? -7.750 -1.511 14.280  1.00 14.48 ? 101 TFA A OXT 1 
HETATM 116 O O   . HOH D 3 . ? -2.229 4.149  8.859   1.00 9.80  ? 201 HOH A O   1 
HETATM 117 O O   . HOH E 3 . ? -2.890 -0.099 10.244  1.00 16.91 ? 101 HOH B O   1 
HETATM 118 O O   . HOH E 3 . ? 6.866  -1.524 -9.933  1.00 15.69 ? 102 HOH B O   1 
HETATM 119 O O   . HOH E 3 . ? -0.429 1.440  9.949   1.00 16.13 ? 103 HOH B O   1 
# 
